data_7NXS
#
_entry.id   7NXS
#
_cell.length_a   82.765
_cell.length_b   112.547
_cell.length_c   62.519
_cell.angle_alpha   90.000
_cell.angle_beta   90.000
_cell.angle_gamma   90.000
#
_symmetry.space_group_name_H-M   'C 2 2 21'
#
loop_
_entity.id
_entity.type
_entity.pdbx_description
1 polymer '14-3-3 protein sigma'
2 polymer 'Transcription factor p65'
3 non-polymer 4-[(6-fluoranyl-2,3-dihydro-1,4-benzoxazin-4-yl)sulfonyl]benzaldehyde
4 non-polymer 'CHLORIDE ION'
5 non-polymer 'MAGNESIUM ION'
6 non-polymer DI(HYDROXYETHYL)ETHER
7 water water
#
loop_
_entity_poly.entity_id
_entity_poly.type
_entity_poly.pdbx_seq_one_letter_code
_entity_poly.pdbx_strand_id
1 'polypeptide(L)'
;GAMGSMERASLIQKAKLAEQAERYEDMAAFMKGAVEKGEELS(CSO)EERNLLSVAYKNVVGGQRAAWRVLSSIEQKSNE
EGSEEKGPEVREYREKVETELQGVCDTVLGLLDSHLIKEAGDAESRVFYLKMKGDYYRYLAEVATGDDKKRIIDSARSAY
QEAMDISKKEMPPTNPIRLGLALNFSVFHYEIANSPEEAISLAKTTFDEAMADLHTLSEDSYKDSTLIMQLLRDNLTLWT
;
A
2 'polypeptide(L)' EGRSAG(SEP)IPGRRS P
#
loop_
_chem_comp.id
_chem_comp.type
_chem_comp.name
_chem_comp.formula
CL non-polymer 'CHLORIDE ION' 'Cl -1'
MG non-polymer 'MAGNESIUM ION' 'Mg 2'
PEG non-polymer DI(HYDROXYETHYL)ETHER 'C4 H10 O3'
UVK non-polymer 4-[(6-fluoranyl-2,3-dihydro-1,4-benzoxazin-4-yl)sulfonyl]benzaldehyde 'C15 H12 F N O4 S'
#
# COMPACT_ATOMS: atom_id res chain seq x y z
N MET A 3 -3.51 -19.45 -13.55
CA MET A 3 -4.96 -19.18 -13.59
C MET A 3 -5.41 -18.92 -15.01
N GLY A 4 -4.55 -19.21 -15.99
CA GLY A 4 -4.84 -18.87 -17.37
C GLY A 4 -6.09 -19.52 -17.93
N SER A 5 -6.49 -20.68 -17.39
N SER A 5 -6.50 -20.67 -17.38
CA SER A 5 -7.66 -21.38 -17.91
CA SER A 5 -7.66 -21.40 -17.88
C SER A 5 -8.94 -21.00 -17.21
C SER A 5 -8.95 -20.99 -17.21
N MET A 6 -8.92 -20.18 -16.15
CA MET A 6 -10.13 -19.77 -15.47
C MET A 6 -10.65 -18.44 -15.99
N GLU A 7 -11.96 -18.35 -16.15
CA GLU A 7 -12.60 -17.11 -16.60
C GLU A 7 -12.27 -15.95 -15.67
N ARG A 8 -12.14 -14.74 -16.24
CA ARG A 8 -11.95 -13.54 -15.43
C ARG A 8 -13.03 -13.39 -14.36
N ALA A 9 -14.30 -13.60 -14.74
CA ALA A 9 -15.34 -13.35 -13.77
C ALA A 9 -15.29 -14.37 -12.63
N SER A 10 -14.90 -15.60 -12.94
CA SER A 10 -14.73 -16.64 -11.92
C SER A 10 -13.59 -16.33 -10.97
N LEU A 11 -12.48 -15.80 -11.50
CA LEU A 11 -11.37 -15.39 -10.64
C LEU A 11 -11.81 -14.31 -9.66
N ILE A 12 -12.56 -13.31 -10.15
CA ILE A 12 -13.04 -12.24 -9.28
C ILE A 12 -13.97 -12.79 -8.22
N GLN A 13 -14.89 -13.66 -8.63
CA GLN A 13 -15.82 -14.27 -7.67
C GLN A 13 -15.07 -15.06 -6.60
N LYS A 14 -14.08 -15.83 -7.02
CA LYS A 14 -13.29 -16.61 -6.06
C LYS A 14 -12.42 -15.73 -5.17
N ALA A 15 -11.93 -14.59 -5.67
CA ALA A 15 -11.21 -13.67 -4.80
C ALA A 15 -12.11 -13.17 -3.68
N LYS A 16 -13.38 -12.87 -3.99
CA LYS A 16 -14.31 -12.42 -2.96
C LYS A 16 -14.58 -13.52 -1.94
N LEU A 17 -14.74 -14.76 -2.43
CA LEU A 17 -14.91 -15.90 -1.50
C LEU A 17 -13.67 -16.10 -0.64
N ALA A 18 -12.49 -15.98 -1.23
CA ALA A 18 -11.26 -16.16 -0.48
C ALA A 18 -11.15 -15.11 0.62
N GLU A 19 -11.53 -13.86 0.34
CA GLU A 19 -11.52 -12.86 1.40
C GLU A 19 -12.44 -13.26 2.56
N GLN A 20 -13.65 -13.71 2.25
CA GLN A 20 -14.60 -14.10 3.27
C GLN A 20 -14.06 -15.24 4.11
N ALA A 21 -13.31 -16.16 3.49
CA ALA A 21 -12.70 -17.30 4.16
C ALA A 21 -11.35 -16.98 4.79
N GLU A 22 -10.89 -15.74 4.67
CA GLU A 22 -9.59 -15.31 5.21
C GLU A 22 -8.43 -16.12 4.62
N ARG A 23 -8.52 -16.42 3.32
CA ARG A 23 -7.54 -17.15 2.55
C ARG A 23 -6.86 -16.13 1.64
N TYR A 24 -5.97 -15.32 2.23
CA TYR A 24 -5.45 -14.19 1.45
C TYR A 24 -4.41 -14.58 0.41
N GLU A 25 -3.64 -15.64 0.63
CA GLU A 25 -2.76 -16.10 -0.43
C GLU A 25 -3.56 -16.53 -1.65
N ASP A 26 -4.63 -17.29 -1.43
CA ASP A 26 -5.50 -17.64 -2.55
C ASP A 26 -6.05 -16.39 -3.20
N MET A 27 -6.54 -15.46 -2.38
CA MET A 27 -7.08 -14.21 -2.90
C MET A 27 -6.14 -13.52 -3.83
N ALA A 28 -4.89 -13.43 -3.42
CA ALA A 28 -3.88 -12.76 -4.22
C ALA A 28 -3.61 -13.50 -5.52
N ALA A 29 -3.57 -14.84 -5.47
CA ALA A 29 -3.38 -15.61 -6.68
C ALA A 29 -4.54 -15.42 -7.66
N PHE A 30 -5.77 -15.40 -7.15
CA PHE A 30 -6.92 -15.17 -8.03
C PHE A 30 -6.85 -13.78 -8.66
N MET A 31 -6.48 -12.75 -7.86
CA MET A 31 -6.41 -11.40 -8.41
C MET A 31 -5.24 -11.22 -9.37
N LYS A 32 -4.10 -11.87 -9.13
CA LYS A 32 -3.03 -11.88 -10.11
C LYS A 32 -3.51 -12.47 -11.44
N GLY A 33 -4.25 -13.59 -11.35
CA GLY A 33 -4.80 -14.17 -12.56
C GLY A 33 -5.76 -13.21 -13.26
N ALA A 34 -6.58 -12.49 -12.48
CA ALA A 34 -7.50 -11.54 -13.10
C ALA A 34 -6.74 -10.41 -13.80
N VAL A 35 -5.73 -9.84 -13.15
CA VAL A 35 -4.95 -8.79 -13.79
C VAL A 35 -4.34 -9.30 -15.09
N GLU A 36 -3.82 -10.51 -15.07
CA GLU A 36 -3.14 -11.05 -16.23
C GLU A 36 -4.09 -11.32 -17.40
N LYS A 37 -5.40 -11.22 -17.21
CA LYS A 37 -6.28 -11.29 -18.35
C LYS A 37 -6.09 -10.09 -19.28
N GLY A 38 -5.51 -9.00 -18.78
CA GLY A 38 -5.13 -7.90 -19.64
C GLY A 38 -6.09 -6.76 -19.68
N GLU A 39 -7.30 -6.90 -19.13
N GLU A 39 -7.29 -6.90 -19.12
CA GLU A 39 -8.26 -5.83 -19.09
CA GLU A 39 -8.30 -5.86 -19.06
C GLU A 39 -7.99 -4.92 -17.88
C GLU A 39 -8.02 -4.94 -17.86
N GLU A 40 -8.43 -3.67 -17.98
CA GLU A 40 -8.40 -2.77 -16.84
C GLU A 40 -9.27 -3.29 -15.69
N LEU A 41 -9.02 -2.82 -14.47
CA LEU A 41 -9.77 -3.21 -13.28
C LEU A 41 -10.72 -2.09 -12.89
N SER A 42 -11.91 -2.46 -12.47
CA SER A 42 -12.86 -1.51 -11.88
C SER A 42 -12.42 -1.09 -10.46
N CSO A 43 -13.12 -0.11 -9.89
N CSO A 43 -13.10 -0.12 -9.84
CA CSO A 43 -12.83 0.33 -8.56
CA CSO A 43 -12.75 0.32 -8.48
CB CSO A 43 -13.88 1.41 -8.23
CB CSO A 43 -13.60 1.54 -8.02
SG CSO A 43 -13.64 2.10 -6.60
SG CSO A 43 -13.39 1.96 -6.25
C CSO A 43 -12.83 -0.85 -7.55
C CSO A 43 -12.85 -0.83 -7.48
O CSO A 43 -11.90 -1.05 -6.77
O CSO A 43 -11.99 -1.00 -6.61
OD CSO A 43 -14.46 1.01 -5.37
OD CSO A 43 -11.88 2.90 -6.03
N GLU A 44 -13.90 -1.62 -7.59
CA GLU A 44 -14.03 -2.74 -6.69
C GLU A 44 -12.91 -3.78 -6.89
N GLU A 45 -12.58 -4.03 -8.16
CA GLU A 45 -11.51 -5.01 -8.46
C GLU A 45 -10.15 -4.50 -7.99
N ARG A 46 -9.88 -3.21 -8.11
CA ARG A 46 -8.64 -2.63 -7.59
C ARG A 46 -8.55 -2.85 -6.09
N ASN A 47 -9.65 -2.66 -5.37
CA ASN A 47 -9.66 -2.91 -3.95
C ASN A 47 -9.39 -4.37 -3.63
N LEU A 48 -9.98 -5.33 -4.39
CA LEU A 48 -9.67 -6.73 -4.13
C LEU A 48 -8.19 -7.01 -4.31
N LEU A 49 -7.58 -6.46 -5.35
CA LEU A 49 -6.15 -6.68 -5.57
C LEU A 49 -5.33 -6.14 -4.40
N SER A 50 -5.63 -4.93 -3.98
CA SER A 50 -4.88 -4.32 -2.89
C SER A 50 -5.08 -5.05 -1.58
N VAL A 51 -6.33 -5.40 -1.23
CA VAL A 51 -6.57 -6.09 0.02
C VAL A 51 -5.79 -7.39 0.06
N ALA A 52 -5.81 -8.15 -1.03
CA ALA A 52 -5.16 -9.46 -1.04
C ALA A 52 -3.67 -9.33 -0.77
N TYR A 53 -2.98 -8.50 -1.52
CA TYR A 53 -1.54 -8.42 -1.37
C TYR A 53 -1.14 -7.67 -0.10
N LYS A 54 -1.95 -6.71 0.35
CA LYS A 54 -1.63 -6.02 1.59
C LYS A 54 -1.66 -6.97 2.76
N ASN A 55 -2.60 -7.93 2.75
CA ASN A 55 -2.67 -8.89 3.83
C ASN A 55 -1.53 -9.90 3.72
N VAL A 56 -1.21 -10.38 2.51
CA VAL A 56 -0.10 -11.33 2.39
C VAL A 56 1.19 -10.68 2.86
N VAL A 57 1.53 -9.51 2.31
N VAL A 57 1.55 -9.53 2.29
CA VAL A 57 2.80 -8.89 2.66
CA VAL A 57 2.81 -8.91 2.70
C VAL A 57 2.76 -8.41 4.11
C VAL A 57 2.75 -8.45 4.14
N GLY A 58 1.59 -8.05 4.63
CA GLY A 58 1.50 -7.64 6.03
C GLY A 58 1.89 -8.76 6.98
N GLY A 59 1.46 -9.99 6.69
CA GLY A 59 1.88 -11.12 7.49
C GLY A 59 3.37 -11.40 7.38
N GLN A 60 3.93 -11.26 6.18
CA GLN A 60 5.36 -11.46 6.01
C GLN A 60 6.15 -10.41 6.79
N ARG A 61 5.72 -9.15 6.71
CA ARG A 61 6.38 -8.08 7.44
C ARG A 61 6.35 -8.35 8.95
N ALA A 62 5.23 -8.76 9.47
CA ALA A 62 5.16 -9.04 10.90
C ALA A 62 6.11 -10.17 11.28
N ALA A 63 6.20 -11.20 10.45
CA ALA A 63 7.10 -12.31 10.75
C ALA A 63 8.55 -11.87 10.64
N TRP A 64 8.87 -11.07 9.63
CA TRP A 64 10.22 -10.57 9.46
C TRP A 64 10.64 -9.73 10.67
N ARG A 65 9.71 -8.94 11.22
CA ARG A 65 10.06 -8.09 12.37
C ARG A 65 10.31 -8.94 13.59
N VAL A 66 9.52 -10.01 13.80
CA VAL A 66 9.77 -10.92 14.92
C VAL A 66 11.16 -11.54 14.79
N LEU A 67 11.48 -12.05 13.60
CA LEU A 67 12.75 -12.73 13.40
C LEU A 67 13.93 -11.76 13.48
N SER A 68 13.76 -10.55 12.92
N SER A 68 13.80 -10.56 12.90
CA SER A 68 14.80 -9.53 12.95
CA SER A 68 14.88 -9.58 13.02
C SER A 68 15.11 -9.13 14.39
C SER A 68 15.14 -9.23 14.47
N SER A 69 14.09 -9.05 15.24
CA SER A 69 14.29 -8.74 16.66
C SER A 69 15.07 -9.84 17.35
N ILE A 70 14.72 -11.10 17.11
CA ILE A 70 15.46 -12.23 17.69
C ILE A 70 16.90 -12.21 17.21
N GLU A 71 17.12 -11.99 15.93
CA GLU A 71 18.46 -11.95 15.37
C GLU A 71 19.30 -10.85 16.01
N GLN A 72 18.74 -9.66 16.17
CA GLN A 72 19.50 -8.55 16.76
C GLN A 72 19.89 -8.84 18.21
N LYS A 73 18.97 -9.44 18.97
CA LYS A 73 19.30 -9.85 20.34
C LYS A 73 20.41 -10.90 20.36
N SER A 74 20.38 -11.84 19.41
CA SER A 74 21.42 -12.87 19.34
C SER A 74 22.79 -12.25 19.05
N ASN A 75 22.83 -11.09 18.39
CA ASN A 75 24.10 -10.46 18.06
C ASN A 75 24.39 -9.29 19.00
N GLY A 83 24.33 -20.21 16.38
CA GLY A 83 24.36 -20.78 15.04
C GLY A 83 23.71 -19.91 13.97
N PRO A 84 23.79 -20.36 12.72
CA PRO A 84 23.28 -19.56 11.60
C PRO A 84 21.76 -19.61 11.47
N GLU A 85 20.99 -20.35 12.28
CA GLU A 85 19.60 -20.64 11.93
C GLU A 85 18.71 -19.39 11.95
N VAL A 86 18.86 -18.50 12.93
CA VAL A 86 17.98 -17.33 12.97
C VAL A 86 18.19 -16.45 11.74
N ARG A 87 19.46 -16.18 11.41
CA ARG A 87 19.74 -15.40 10.22
C ARG A 87 19.23 -16.13 8.97
N GLU A 88 19.44 -17.44 8.86
CA GLU A 88 18.98 -18.16 7.68
C GLU A 88 17.47 -18.06 7.54
N TYR A 89 16.75 -18.21 8.64
CA TYR A 89 15.30 -18.19 8.56
C TYR A 89 14.78 -16.77 8.29
N ARG A 90 15.37 -15.76 8.93
CA ARG A 90 15.01 -14.38 8.59
C ARG A 90 15.24 -14.11 7.12
N GLU A 91 16.37 -14.59 6.56
CA GLU A 91 16.66 -14.43 5.15
C GLU A 91 15.63 -15.13 4.29
N LYS A 92 15.17 -16.31 4.71
CA LYS A 92 14.15 -17.01 3.93
C LYS A 92 12.86 -16.19 3.86
N VAL A 93 12.41 -15.70 5.02
CA VAL A 93 11.19 -14.89 5.06
C VAL A 93 11.39 -13.61 4.25
N GLU A 94 12.55 -13.00 4.37
CA GLU A 94 12.86 -11.78 3.63
C GLU A 94 12.80 -12.00 2.11
N THR A 95 13.36 -13.12 1.63
CA THR A 95 13.32 -13.42 0.19
C THR A 95 11.90 -13.63 -0.28
N GLU A 96 11.06 -14.27 0.54
N GLU A 96 11.10 -14.33 0.52
CA GLU A 96 9.68 -14.50 0.13
CA GLU A 96 9.70 -14.51 0.16
C GLU A 96 8.88 -13.20 0.10
C GLU A 96 8.98 -13.17 0.04
N LEU A 97 9.16 -12.31 1.07
CA LEU A 97 8.57 -10.98 1.06
C LEU A 97 8.99 -10.19 -0.18
N GLN A 98 10.28 -10.18 -0.49
CA GLN A 98 10.74 -9.49 -1.67
C GLN A 98 10.10 -10.04 -2.93
N GLY A 99 9.92 -11.36 -2.98
CA GLY A 99 9.28 -11.94 -4.14
C GLY A 99 7.83 -11.49 -4.32
N VAL A 100 7.07 -11.38 -3.24
CA VAL A 100 5.71 -10.89 -3.34
C VAL A 100 5.71 -9.44 -3.79
N CYS A 101 6.58 -8.60 -3.20
CA CYS A 101 6.64 -7.21 -3.63
C CYS A 101 7.00 -7.11 -5.10
N ASP A 102 7.98 -7.90 -5.57
CA ASP A 102 8.35 -7.89 -6.98
C ASP A 102 7.18 -8.30 -7.85
N THR A 103 6.37 -9.26 -7.39
CA THR A 103 5.21 -9.68 -8.17
C THR A 103 4.21 -8.55 -8.32
N VAL A 104 3.90 -7.86 -7.21
CA VAL A 104 2.95 -6.75 -7.27
C VAL A 104 3.48 -5.65 -8.16
N LEU A 105 4.75 -5.27 -7.98
CA LEU A 105 5.34 -4.23 -8.81
C LEU A 105 5.30 -4.64 -10.27
N GLY A 106 5.49 -5.93 -10.54
CA GLY A 106 5.44 -6.39 -11.93
C GLY A 106 4.04 -6.27 -12.54
N LEU A 107 3.00 -6.53 -11.75
CA LEU A 107 1.63 -6.33 -12.24
C LEU A 107 1.38 -4.85 -12.53
N LEU A 108 1.86 -3.97 -11.63
CA LEU A 108 1.66 -2.55 -11.84
C LEU A 108 2.38 -2.08 -13.09
N ASP A 109 3.58 -2.61 -13.36
CA ASP A 109 4.35 -2.24 -14.53
C ASP A 109 3.91 -2.94 -15.81
N SER A 110 3.14 -4.01 -15.71
CA SER A 110 2.76 -4.81 -16.89
C SER A 110 1.32 -5.28 -16.72
N HIS A 111 0.33 -4.42 -16.97
CA HIS A 111 0.47 -3.06 -17.52
C HIS A 111 -0.53 -2.12 -16.88
N LEU A 112 -0.76 -2.28 -15.58
CA LEU A 112 -1.86 -1.54 -14.95
C LEU A 112 -1.66 -0.04 -14.99
N ILE A 113 -0.46 0.43 -14.63
CA ILE A 113 -0.25 1.88 -14.57
C ILE A 113 -0.35 2.51 -15.95
N LYS A 114 0.29 1.89 -16.95
CA LYS A 114 0.31 2.56 -18.25
C LYS A 114 -1.07 2.66 -18.86
N GLU A 115 -2.00 1.78 -18.52
CA GLU A 115 -3.34 1.87 -19.06
C GLU A 115 -4.28 2.71 -18.21
N ALA A 116 -3.84 3.18 -17.05
CA ALA A 116 -4.72 3.91 -16.12
C ALA A 116 -4.67 5.41 -16.44
N GLY A 117 -5.77 5.94 -16.95
CA GLY A 117 -5.86 7.32 -17.38
C GLY A 117 -6.69 8.16 -16.45
N ASP A 118 -7.66 7.55 -15.79
CA ASP A 118 -8.47 8.35 -14.89
C ASP A 118 -7.69 8.58 -13.61
N ALA A 119 -7.91 9.73 -13.00
CA ALA A 119 -7.13 10.06 -11.81
C ALA A 119 -7.33 9.02 -10.71
N GLU A 120 -8.55 8.51 -10.52
CA GLU A 120 -8.79 7.57 -9.42
C GLU A 120 -7.95 6.31 -9.62
N SER A 121 -7.91 5.79 -10.84
CA SER A 121 -7.14 4.56 -11.06
C SER A 121 -5.66 4.81 -10.99
N ARG A 122 -5.19 5.87 -11.64
CA ARG A 122 -3.76 6.09 -11.72
C ARG A 122 -3.17 6.41 -10.36
N VAL A 123 -3.85 7.25 -9.56
CA VAL A 123 -3.41 7.52 -8.20
C VAL A 123 -3.39 6.24 -7.37
N PHE A 124 -4.45 5.43 -7.46
CA PHE A 124 -4.50 4.18 -6.70
C PHE A 124 -3.26 3.32 -7.00
N TYR A 125 -2.95 3.12 -8.28
CA TYR A 125 -1.84 2.24 -8.63
C TYR A 125 -0.49 2.83 -8.26
N LEU A 126 -0.31 4.15 -8.40
CA LEU A 126 0.94 4.76 -8.01
C LEU A 126 1.14 4.74 -6.50
N LYS A 127 0.06 4.88 -5.72
CA LYS A 127 0.13 4.69 -4.28
C LYS A 127 0.58 3.26 -3.96
N MET A 128 -0.02 2.25 -4.62
CA MET A 128 0.47 0.88 -4.45
C MET A 128 1.93 0.75 -4.78
N LYS A 129 2.37 1.33 -5.88
CA LYS A 129 3.77 1.23 -6.25
C LYS A 129 4.66 1.81 -5.15
N GLY A 130 4.28 2.99 -4.62
CA GLY A 130 5.04 3.54 -3.50
C GLY A 130 5.06 2.60 -2.29
N ASP A 131 3.91 2.01 -1.97
CA ASP A 131 3.83 1.12 -0.82
C ASP A 131 4.73 -0.11 -0.98
N TYR A 132 4.74 -0.75 -2.16
CA TYR A 132 5.54 -1.98 -2.28
C TYR A 132 7.03 -1.67 -2.37
N TYR A 133 7.43 -0.54 -2.94
CA TYR A 133 8.82 -0.13 -2.79
C TYR A 133 9.13 0.20 -1.33
N ARG A 134 8.19 0.81 -0.59
CA ARG A 134 8.41 1.05 0.83
C ARG A 134 8.64 -0.25 1.59
N TYR A 135 7.83 -1.29 1.32
CA TYR A 135 8.05 -2.58 1.98
C TYR A 135 9.41 -3.17 1.60
N LEU A 136 9.84 -3.04 0.35
CA LEU A 136 11.20 -3.45 -0.01
C LEU A 136 12.23 -2.65 0.78
N ALA A 137 12.01 -1.33 0.97
CA ALA A 137 12.97 -0.49 1.68
C ALA A 137 13.07 -0.88 3.14
N GLU A 138 12.00 -1.41 3.74
CA GLU A 138 12.05 -1.78 5.15
C GLU A 138 13.09 -2.86 5.41
N VAL A 139 13.37 -3.72 4.42
CA VAL A 139 14.29 -4.84 4.60
C VAL A 139 15.59 -4.64 3.87
N ALA A 140 15.75 -3.53 3.17
CA ALA A 140 16.95 -3.28 2.39
C ALA A 140 18.07 -2.68 3.23
N THR A 141 19.30 -2.92 2.81
CA THR A 141 20.44 -2.29 3.46
C THR A 141 21.26 -1.49 2.44
N GLY A 142 21.98 -0.48 2.94
CA GLY A 142 23.07 0.13 2.18
C GLY A 142 22.62 0.91 0.96
N ASP A 143 23.36 0.72 -0.14
CA ASP A 143 23.10 1.48 -1.37
C ASP A 143 21.87 0.96 -2.11
N ASP A 144 21.65 -0.36 -2.11
CA ASP A 144 20.36 -0.87 -2.57
C ASP A 144 19.23 -0.09 -1.91
N LYS A 145 19.36 0.15 -0.61
CA LYS A 145 18.34 0.92 0.06
C LYS A 145 18.10 2.23 -0.64
N LYS A 146 19.16 2.93 -1.08
CA LYS A 146 18.97 4.27 -1.66
C LYS A 146 18.09 4.26 -2.90
N ARG A 147 18.39 3.43 -3.90
CA ARG A 147 17.60 3.47 -5.11
C ARG A 147 16.17 2.98 -4.84
N ILE A 148 16.00 2.00 -3.92
CA ILE A 148 14.65 1.54 -3.57
C ILE A 148 13.87 2.66 -2.91
N ILE A 149 14.48 3.39 -1.98
CA ILE A 149 13.82 4.50 -1.32
C ILE A 149 13.43 5.55 -2.35
N ASP A 150 14.31 5.85 -3.30
CA ASP A 150 13.95 6.83 -4.30
C ASP A 150 12.81 6.40 -5.17
N SER A 151 12.75 5.10 -5.50
CA SER A 151 11.64 4.60 -6.30
C SER A 151 10.32 4.76 -5.56
N ALA A 152 10.30 4.51 -4.25
CA ALA A 152 9.07 4.73 -3.50
C ALA A 152 8.69 6.19 -3.53
N ARG A 153 9.67 7.05 -3.26
N ARG A 153 9.66 7.06 -3.23
CA ARG A 153 9.40 8.49 -3.21
CA ARG A 153 9.43 8.50 -3.22
C ARG A 153 8.85 8.99 -4.53
C ARG A 153 8.84 8.97 -4.53
N SER A 154 9.46 8.55 -5.65
CA SER A 154 9.02 9.01 -6.97
C SER A 154 7.58 8.60 -7.25
N ALA A 155 7.22 7.35 -6.93
CA ALA A 155 5.85 6.91 -7.15
C ALA A 155 4.86 7.69 -6.30
N TYR A 156 5.16 7.84 -5.00
CA TYR A 156 4.25 8.61 -4.14
C TYR A 156 4.13 10.04 -4.65
N GLN A 157 5.26 10.63 -5.08
CA GLN A 157 5.23 12.04 -5.52
C GLN A 157 4.36 12.23 -6.76
N GLU A 158 4.49 11.33 -7.74
CA GLU A 158 3.62 11.44 -8.90
C GLU A 158 2.16 11.30 -8.51
N ALA A 159 1.85 10.35 -7.62
CA ALA A 159 0.47 10.18 -7.15
C ALA A 159 -0.02 11.45 -6.45
N MET A 160 0.83 12.07 -5.62
CA MET A 160 0.45 13.30 -4.92
C MET A 160 0.15 14.40 -5.92
N ASP A 161 1.01 14.53 -6.92
CA ASP A 161 0.81 15.64 -7.87
C ASP A 161 -0.53 15.49 -8.58
N ILE A 162 -0.86 14.26 -9.03
CA ILE A 162 -2.14 14.05 -9.71
C ILE A 162 -3.29 14.30 -8.73
N SER A 163 -3.17 13.75 -7.50
CA SER A 163 -4.29 13.87 -6.56
C SER A 163 -4.61 15.32 -6.23
N LYS A 164 -3.57 16.16 -6.11
CA LYS A 164 -3.82 17.55 -5.75
C LYS A 164 -4.46 18.30 -6.89
N LYS A 165 -4.19 17.91 -8.13
CA LYS A 165 -4.80 18.57 -9.28
C LYS A 165 -6.22 18.07 -9.56
N GLU A 166 -6.52 16.78 -9.31
CA GLU A 166 -7.70 16.14 -9.84
C GLU A 166 -8.72 15.69 -8.81
N MET A 167 -8.40 15.66 -7.52
CA MET A 167 -9.30 15.16 -6.50
C MET A 167 -9.53 16.17 -5.40
N PRO A 168 -10.71 16.18 -4.79
CA PRO A 168 -10.94 17.06 -3.64
C PRO A 168 -10.12 16.59 -2.46
N PRO A 169 -9.87 17.48 -1.50
CA PRO A 169 -9.01 17.13 -0.38
C PRO A 169 -9.59 16.12 0.55
N THR A 170 -10.89 15.80 0.45
CA THR A 170 -11.49 14.74 1.26
C THR A 170 -11.55 13.39 0.54
N ASN A 171 -11.11 13.31 -0.71
CA ASN A 171 -11.24 12.03 -1.43
C ASN A 171 -10.49 10.93 -0.67
N PRO A 172 -11.10 9.77 -0.39
CA PRO A 172 -10.41 8.78 0.43
C PRO A 172 -9.10 8.25 -0.15
N ILE A 173 -8.99 8.15 -1.48
CA ILE A 173 -7.73 7.72 -2.09
C ILE A 173 -6.65 8.78 -1.86
N ARG A 174 -6.98 10.05 -2.06
CA ARG A 174 -6.04 11.15 -1.78
C ARG A 174 -5.63 11.14 -0.32
N LEU A 175 -6.56 10.91 0.60
CA LEU A 175 -6.23 10.90 2.01
C LEU A 175 -5.35 9.72 2.37
N GLY A 176 -5.70 8.51 1.88
CA GLY A 176 -4.86 7.34 2.19
C GLY A 176 -3.47 7.45 1.60
N LEU A 177 -3.37 8.03 0.39
CA LEU A 177 -2.05 8.29 -0.20
C LEU A 177 -1.22 9.20 0.71
N ALA A 178 -1.82 10.30 1.16
CA ALA A 178 -1.08 11.22 2.05
C ALA A 178 -0.69 10.54 3.34
N LEU A 179 -1.61 9.75 3.91
CA LEU A 179 -1.28 9.00 5.11
C LEU A 179 -0.04 8.12 4.89
N ASN A 180 -0.06 7.32 3.82
CA ASN A 180 1.05 6.39 3.57
C ASN A 180 2.33 7.12 3.22
N PHE A 181 2.26 8.20 2.43
CA PHE A 181 3.48 8.96 2.13
C PHE A 181 4.05 9.59 3.39
N SER A 182 3.18 10.01 4.31
CA SER A 182 3.67 10.53 5.58
C SER A 182 4.39 9.46 6.38
N VAL A 183 3.86 8.23 6.37
CA VAL A 183 4.55 7.11 7.02
C VAL A 183 5.90 6.85 6.35
N PHE A 184 5.97 6.89 5.02
CA PHE A 184 7.23 6.82 4.30
C PHE A 184 8.22 7.85 4.84
N HIS A 185 7.80 9.13 4.92
CA HIS A 185 8.72 10.16 5.40
C HIS A 185 9.22 9.84 6.79
N TYR A 186 8.35 9.41 7.69
CA TYR A 186 8.73 9.21 9.08
C TYR A 186 9.60 7.97 9.25
N GLU A 187 9.20 6.86 8.63
CA GLU A 187 9.78 5.55 8.96
C GLU A 187 10.89 5.15 8.01
N ILE A 188 10.93 5.67 6.79
CA ILE A 188 11.85 5.23 5.77
C ILE A 188 12.86 6.33 5.46
N ALA A 189 12.37 7.55 5.20
CA ALA A 189 13.20 8.64 4.71
C ALA A 189 13.85 9.44 5.81
N ASN A 190 13.65 9.10 7.06
CA ASN A 190 14.26 9.86 8.16
C ASN A 190 13.89 11.35 8.09
N SER A 191 12.65 11.63 7.75
CA SER A 191 12.14 13.01 7.59
C SER A 191 10.92 13.22 8.46
N PRO A 192 11.04 13.12 9.78
CA PRO A 192 9.86 13.22 10.64
C PRO A 192 9.17 14.58 10.50
N GLU A 193 9.90 15.67 10.32
CA GLU A 193 9.21 16.95 10.14
C GLU A 193 8.36 16.97 8.89
N GLU A 194 8.86 16.43 7.78
CA GLU A 194 8.06 16.35 6.55
C GLU A 194 6.81 15.50 6.78
N ALA A 195 6.97 14.41 7.50
CA ALA A 195 5.85 13.52 7.81
C ALA A 195 4.76 14.26 8.60
N ILE A 196 5.18 15.00 9.65
CA ILE A 196 4.23 15.74 10.47
C ILE A 196 3.57 16.85 9.67
N SER A 197 4.36 17.60 8.89
N SER A 197 4.35 17.60 8.89
CA SER A 197 3.81 18.67 8.07
CA SER A 197 3.77 18.67 8.08
C SER A 197 2.75 18.12 7.11
C SER A 197 2.77 18.15 7.05
N LEU A 198 3.09 17.03 6.39
CA LEU A 198 2.14 16.46 5.44
C LEU A 198 0.87 16.00 6.14
N ALA A 199 1.00 15.31 7.25
CA ALA A 199 -0.21 14.82 7.91
C ALA A 199 -1.08 15.98 8.39
N LYS A 200 -0.47 17.02 8.98
CA LYS A 200 -1.21 18.19 9.45
C LYS A 200 -1.92 18.92 8.32
N THR A 201 -1.22 19.24 7.26
N THR A 201 -1.21 19.25 7.25
CA THR A 201 -1.81 19.97 6.15
CA THR A 201 -1.87 19.99 6.18
C THR A 201 -2.92 19.16 5.48
C THR A 201 -2.98 19.14 5.54
N THR A 202 -2.71 17.86 5.34
CA THR A 202 -3.76 16.98 4.80
C THR A 202 -5.00 17.01 5.69
N PHE A 203 -4.81 16.81 6.99
CA PHE A 203 -5.93 16.81 7.92
C PHE A 203 -6.70 18.11 7.84
N ASP A 204 -6.00 19.25 7.84
CA ASP A 204 -6.65 20.55 7.92
C ASP A 204 -7.41 20.86 6.62
N GLU A 205 -6.83 20.52 5.49
CA GLU A 205 -7.50 20.76 4.24
C GLU A 205 -8.72 19.87 4.06
N ALA A 206 -8.66 18.64 4.58
CA ALA A 206 -9.84 17.78 4.55
C ALA A 206 -10.93 18.33 5.47
N MET A 207 -10.56 18.75 6.67
CA MET A 207 -11.53 19.31 7.61
C MET A 207 -12.34 20.43 6.96
N ALA A 208 -11.69 21.30 6.24
CA ALA A 208 -12.32 22.45 5.62
C ALA A 208 -13.23 22.09 4.45
N ASP A 209 -13.14 20.88 3.93
CA ASP A 209 -13.97 20.43 2.82
C ASP A 209 -15.09 19.47 3.28
N LEU A 210 -15.15 19.09 4.56
CA LEU A 210 -16.18 18.14 5.01
C LEU A 210 -17.59 18.65 4.77
N HIS A 211 -17.79 19.97 4.78
CA HIS A 211 -19.13 20.55 4.66
C HIS A 211 -19.77 20.19 3.33
N THR A 212 -18.97 19.80 2.33
CA THR A 212 -19.51 19.49 1.00
C THR A 212 -20.03 18.07 0.87
N LEU A 213 -19.85 17.22 1.86
CA LEU A 213 -20.01 15.79 1.72
C LEU A 213 -21.35 15.30 2.27
N SER A 214 -21.85 14.20 1.68
CA SER A 214 -22.96 13.43 2.22
C SER A 214 -22.55 12.73 3.52
N GLU A 215 -23.54 12.18 4.22
CA GLU A 215 -23.27 11.46 5.46
C GLU A 215 -22.30 10.29 5.23
N ASP A 216 -22.50 9.54 4.15
CA ASP A 216 -21.65 8.36 3.96
C ASP A 216 -20.22 8.77 3.56
N SER A 217 -20.10 9.78 2.68
CA SER A 217 -18.77 10.29 2.32
C SER A 217 -18.06 10.92 3.54
N TYR A 218 -18.83 11.63 4.37
CA TYR A 218 -18.28 12.20 5.60
C TYR A 218 -17.70 11.12 6.48
N LYS A 219 -18.42 10.01 6.63
CA LYS A 219 -17.92 8.91 7.45
C LYS A 219 -16.59 8.39 6.92
N ASP A 220 -16.47 8.23 5.60
CA ASP A 220 -15.23 7.72 5.03
C ASP A 220 -14.08 8.69 5.27
N SER A 221 -14.29 9.97 4.96
CA SER A 221 -13.22 10.95 5.08
C SER A 221 -12.78 11.12 6.52
N THR A 222 -13.74 11.16 7.45
CA THR A 222 -13.37 11.35 8.85
C THR A 222 -12.66 10.12 9.40
N LEU A 223 -12.98 8.92 8.91
CA LEU A 223 -12.23 7.74 9.35
C LEU A 223 -10.73 7.87 9.04
N ILE A 224 -10.41 8.28 7.83
CA ILE A 224 -8.98 8.41 7.47
C ILE A 224 -8.37 9.60 8.16
N MET A 225 -9.12 10.68 8.36
CA MET A 225 -8.59 11.82 9.10
C MET A 225 -8.19 11.37 10.50
N GLN A 226 -8.98 10.47 11.10
CA GLN A 226 -8.59 10.00 12.43
C GLN A 226 -7.29 9.21 12.41
N LEU A 227 -7.06 8.44 11.35
CA LEU A 227 -5.76 7.76 11.21
C LEU A 227 -4.61 8.77 11.12
N LEU A 228 -4.79 9.87 10.36
CA LEU A 228 -3.79 10.92 10.32
C LEU A 228 -3.56 11.49 11.71
N ARG A 229 -4.65 11.78 12.43
CA ARG A 229 -4.55 12.30 13.79
C ARG A 229 -3.85 11.30 14.72
N ASP A 230 -4.14 10.02 14.59
CA ASP A 230 -3.50 9.03 15.46
C ASP A 230 -1.98 9.05 15.25
N ASN A 231 -1.53 9.19 13.99
CA ASN A 231 -0.09 9.28 13.75
C ASN A 231 0.46 10.57 14.33
N LEU A 232 -0.23 11.69 14.12
CA LEU A 232 0.27 12.95 14.69
C LEU A 232 0.39 12.87 16.20
N THR A 233 -0.55 12.20 16.87
CA THR A 233 -0.46 12.05 18.32
C THR A 233 0.73 11.18 18.72
N LEU A 234 1.03 10.15 17.94
CA LEU A 234 2.20 9.34 18.22
C LEU A 234 3.51 10.08 17.97
N TRP A 235 3.55 10.98 16.98
CA TRP A 235 4.77 11.62 16.55
C TRP A 235 5.05 12.95 17.25
N THR A 236 4.12 13.46 18.04
CA THR A 236 4.25 14.79 18.63
C THR A 236 3.96 14.80 20.12
N ALA B 5 3.94 5.19 11.84
CA ALA B 5 2.84 4.63 12.65
C ALA B 5 1.89 3.72 11.85
N GLY B 6 0.59 4.04 11.77
CA GLY B 6 -0.32 3.27 10.93
C GLY B 6 -0.47 3.77 9.49
N SEP B 7 -0.37 2.84 8.54
CA SEP B 7 -0.74 3.10 7.15
CB SEP B 7 0.23 2.34 6.23
OG SEP B 7 0.10 0.95 6.60
C SEP B 7 -2.21 2.71 6.89
O SEP B 7 -2.91 2.19 7.79
P SEP B 7 1.23 -0.04 6.00
O1P SEP B 7 2.58 0.32 6.57
O2P SEP B 7 0.71 -1.43 6.51
O3P SEP B 7 1.18 0.07 4.46
N ILE B 8 -2.70 2.92 5.68
CA ILE B 8 -4.11 2.67 5.39
C ILE B 8 -4.41 1.16 5.44
N PRO B 9 -5.53 0.75 6.03
CA PRO B 9 -5.90 -0.69 6.01
C PRO B 9 -6.44 -1.07 4.66
N GLY B 10 -6.60 -2.39 4.46
CA GLY B 10 -7.18 -2.86 3.21
C GLY B 10 -8.69 -2.59 3.11
N ARG B 11 -9.40 -2.67 4.24
CA ARG B 11 -10.83 -2.42 4.33
C ARG B 11 -11.09 -1.47 5.51
N ARG B 12 -12.19 -0.72 5.41
CA ARG B 12 -12.61 0.26 6.42
C ARG B 12 -12.59 -0.29 7.85
N SER B 13 -12.82 -1.58 8.03
CA SER B 13 -12.70 -2.18 9.37
C SER B 13 -11.26 -2.25 9.87
C02 UVK C . -12.13 4.64 4.38
C03 UVK C . -11.27 4.18 5.42
C04 UVK C . -10.42 3.11 5.17
C05 UVK C . -10.45 2.51 3.90
C07 UVK C . -9.45 0.95 2.36
C08 UVK C . -10.79 0.99 1.65
C12 UVK C . -9.50 3.38 -0.11
C13 UVK C . -8.85 4.46 0.50
C14 UVK C . -7.49 4.57 0.33
C15 UVK C . -6.79 3.61 -0.41
C16 UVK C . -7.45 2.53 -0.99
C17 UVK C . -8.80 2.43 -0.84
C18 UVK C . -5.28 3.65 -0.63
C21 UVK C . -11.30 2.96 2.86
C22 UVK C . -12.16 4.04 3.12
F01 UVK C . -12.93 5.67 4.67
N09 UVK C . -11.30 2.29 1.59
O06 UVK C . -9.53 1.37 3.72
O11 UVK C . -12.00 4.37 -0.02
O20 UVK C . -11.80 2.25 -1.00
S10 UVK C . -11.26 3.10 0.07
CL CL D . -7.40 3.34 -19.67
MG MG E . -13.23 -15.24 -21.08
C1 PEG F . -15.06 -3.21 5.06
O1 PEG F . -14.82 -3.46 6.43
C2 PEG F . -14.44 -1.92 4.62
O2 PEG F . -14.78 -1.63 3.28
C3 PEG F . -13.70 -1.18 2.49
C4 PEG F . -14.04 -1.39 1.04
O4 PEG F . -12.86 -1.37 0.26
H11 PEG F . -16.01 -3.18 4.90
H12 PEG F . -14.67 -3.94 4.54
HO1 PEG F . -15.36 -4.01 6.79
H21 PEG F . -13.47 -1.97 4.70
H22 PEG F . -14.78 -1.20 5.19
H31 PEG F . -12.91 -1.68 2.70
H32 PEG F . -13.55 -0.24 2.66
H41 PEG F . -14.63 -0.68 0.74
H42 PEG F . -14.48 -2.24 0.93
HO4 PEG F . -12.98 -1.56 -0.56
#